data_7NSV
#
_entry.id   7NSV
#
_cell.length_a   82.288
_cell.length_b   112.163
_cell.length_c   62.634
_cell.angle_alpha   90.000
_cell.angle_beta   90.000
_cell.angle_gamma   90.000
#
_symmetry.space_group_name_H-M   'C 2 2 21'
#
loop_
_entity.id
_entity.type
_entity.pdbx_description
1 polymer '14-3-3 protein sigma'
2 polymer 'Transcription factor p65'
3 non-polymer 1-(3-bromanyl-4-methyl-phenyl)-2-(2-bromophenyl)imidazole
4 non-polymer GLYCEROL
5 water water
#
loop_
_entity_poly.entity_id
_entity_poly.type
_entity_poly.pdbx_seq_one_letter_code
_entity_poly.pdbx_strand_id
1 'polypeptide(L)'
;GAMGSMERASLIQKAKLAEQAERYEDMAAFMKGAVEKGEELS(CSO)EERNLLSVAYKNVVGGQRAAWRVLSSIEQKSNE
EGSEEKGPEVREYREKVETELQGVCDTVLGLLDSHLIKEAGDAESRVFYLKMKGDYYRYLAEVATGDDKKRIIDSARSAY
QEAMDISKKEMPPTNPIRLGLALNFSVFHYEIANSPEEAISLAKTTFDEAMADLHTLSEDSYKDSTLIMQLLRDNLTLWT
ADNAGEEGGEAPQEPQS
;
A
2 'polypeptide(L)' EGRSAG(SEP)IPGRRS P
#
loop_
_chem_comp.id
_chem_comp.type
_chem_comp.name
_chem_comp.formula
GOL non-polymer GLYCEROL 'C3 H8 O3'
UQN non-polymer 1-(3-bromanyl-4-methyl-phenyl)-2-(2-bromophenyl)imidazole 'C16 H12 Br2 N2'
#
# COMPACT_ATOMS: atom_id res chain seq x y z
N MET A 3 -10.80 -7.74 20.29
CA MET A 3 -11.28 -8.92 19.58
C MET A 3 -10.68 -10.17 20.23
N GLY A 4 -10.09 -9.97 21.42
CA GLY A 4 -9.36 -11.02 22.10
C GLY A 4 -10.18 -12.25 22.44
N SER A 5 -11.51 -12.10 22.59
CA SER A 5 -12.32 -13.25 22.94
C SER A 5 -12.88 -13.99 21.74
N MET A 6 -12.71 -13.49 20.52
CA MET A 6 -13.16 -14.20 19.33
C MET A 6 -12.10 -15.12 18.77
N GLU A 7 -12.54 -16.28 18.29
CA GLU A 7 -11.64 -17.22 17.65
C GLU A 7 -10.99 -16.60 16.41
N ARG A 8 -9.74 -16.98 16.17
CA ARG A 8 -9.05 -16.52 14.95
C ARG A 8 -9.87 -16.84 13.70
N ALA A 9 -10.38 -18.07 13.59
CA ALA A 9 -11.10 -18.44 12.37
C ALA A 9 -12.39 -17.63 12.21
N SER A 10 -13.03 -17.29 13.33
CA SER A 10 -14.24 -16.48 13.28
C SER A 10 -13.92 -15.04 12.86
N LEU A 11 -12.80 -14.50 13.32
CA LEU A 11 -12.37 -13.18 12.87
C LEU A 11 -12.12 -13.16 11.37
N ILE A 12 -11.48 -14.20 10.84
CA ILE A 12 -11.23 -14.25 9.41
C ILE A 12 -12.53 -14.37 8.63
N GLN A 13 -13.43 -15.24 9.11
CA GLN A 13 -14.73 -15.38 8.45
C GLN A 13 -15.50 -14.05 8.45
N LYS A 14 -15.49 -13.35 9.59
CA LYS A 14 -16.19 -12.08 9.68
C LYS A 14 -15.53 -11.00 8.83
N ALA A 15 -14.20 -11.02 8.69
CA ALA A 15 -13.56 -10.08 7.77
C ALA A 15 -14.04 -10.29 6.34
N LYS A 16 -14.22 -11.55 5.92
CA LYS A 16 -14.72 -11.82 4.58
C LYS A 16 -16.16 -11.34 4.42
N LEU A 17 -16.99 -11.53 5.44
CA LEU A 17 -18.35 -11.01 5.41
C LEU A 17 -18.36 -9.49 5.38
N ALA A 18 -17.49 -8.87 6.17
CA ALA A 18 -17.42 -7.41 6.17
C ALA A 18 -17.04 -6.88 4.81
N GLU A 19 -16.11 -7.55 4.12
CA GLU A 19 -15.78 -7.14 2.76
C GLU A 19 -16.99 -7.20 1.86
N GLN A 20 -17.77 -8.29 1.93
CA GLN A 20 -18.94 -8.43 1.08
C GLN A 20 -19.96 -7.33 1.37
N ALA A 21 -20.06 -6.91 2.63
CA ALA A 21 -20.99 -5.87 3.04
C ALA A 21 -20.41 -4.48 2.90
N GLU A 22 -19.19 -4.36 2.40
CA GLU A 22 -18.51 -3.08 2.24
C GLU A 22 -18.38 -2.33 3.57
N ARG A 23 -18.12 -3.09 4.63
CA ARG A 23 -17.94 -2.57 5.97
C ARG A 23 -16.46 -2.66 6.29
N TYR A 24 -15.69 -1.72 5.74
CA TYR A 24 -14.23 -1.83 5.79
C TYR A 24 -13.63 -1.50 7.14
N GLU A 25 -14.23 -0.59 7.91
CA GLU A 25 -13.76 -0.36 9.27
C GLU A 25 -13.90 -1.63 10.09
N ASP A 26 -15.06 -2.30 10.01
CA ASP A 26 -15.22 -3.59 10.68
C ASP A 26 -14.19 -4.59 10.17
N MET A 27 -14.07 -4.70 8.85
CA MET A 27 -13.09 -5.60 8.26
C MET A 27 -11.70 -5.40 8.87
N ALA A 28 -11.26 -4.14 8.97
CA ALA A 28 -9.94 -3.86 9.50
C ALA A 28 -9.84 -4.25 10.97
N ALA A 29 -10.89 -4.00 11.75
CA ALA A 29 -10.85 -4.39 13.15
C ALA A 29 -10.78 -5.91 13.29
N PHE A 30 -11.52 -6.66 12.46
CA PHE A 30 -11.45 -8.11 12.51
C PHE A 30 -10.05 -8.60 12.15
N MET A 31 -9.46 -8.02 11.11
CA MET A 31 -8.12 -8.44 10.69
C MET A 31 -7.06 -8.05 11.70
N LYS A 32 -7.19 -6.89 12.34
CA LYS A 32 -6.29 -6.54 13.44
C LYS A 32 -6.38 -7.57 14.55
N GLY A 33 -7.62 -7.95 14.92
CA GLY A 33 -7.78 -9.00 15.91
C GLY A 33 -7.12 -10.31 15.49
N ALA A 34 -7.24 -10.66 14.20
CA ALA A 34 -6.61 -11.89 13.73
C ALA A 34 -5.08 -11.80 13.82
N VAL A 35 -4.51 -10.68 13.39
CA VAL A 35 -3.06 -10.53 13.51
C VAL A 35 -2.63 -10.66 14.96
N GLU A 36 -3.39 -10.06 15.88
CA GLU A 36 -3.00 -10.06 17.29
C GLU A 36 -3.09 -11.43 17.93
N LYS A 37 -3.65 -12.43 17.24
CA LYS A 37 -3.56 -13.79 17.75
C LYS A 37 -2.13 -14.31 17.74
N GLY A 38 -1.23 -13.69 16.98
CA GLY A 38 0.18 -14.00 17.05
C GLY A 38 0.67 -15.00 16.03
N GLU A 39 -0.23 -15.65 15.29
CA GLU A 39 0.17 -16.57 14.23
C GLU A 39 0.47 -15.81 12.95
N GLU A 40 1.34 -16.38 12.12
CA GLU A 40 1.57 -15.86 10.79
C GLU A 40 0.26 -15.88 9.98
N LEU A 41 0.20 -15.04 8.94
CA LEU A 41 -0.96 -14.94 8.07
C LEU A 41 -0.67 -15.68 6.77
N SER A 42 -1.68 -16.38 6.27
CA SER A 42 -1.59 -16.99 4.95
C SER A 42 -1.66 -15.92 3.86
N CSO A 43 -1.48 -16.33 2.61
CA CSO A 43 -1.55 -15.42 1.49
CB CSO A 43 -1.27 -16.20 0.21
SG CSO A 43 -1.37 -15.19 -1.27
C CSO A 43 -2.92 -14.71 1.44
O CSO A 43 -3.01 -13.48 1.30
OD CSO A 43 -3.05 -15.17 -1.85
N GLU A 44 -4.00 -15.48 1.55
CA GLU A 44 -5.35 -14.92 1.53
C GLU A 44 -5.58 -13.97 2.70
N GLU A 45 -5.07 -14.34 3.87
CA GLU A 45 -5.26 -13.51 5.06
C GLU A 45 -4.47 -12.20 4.94
N ARG A 46 -3.26 -12.24 4.37
CA ARG A 46 -2.53 -10.98 4.13
C ARG A 46 -3.32 -10.07 3.21
N ASN A 47 -3.94 -10.63 2.16
CA ASN A 47 -4.74 -9.83 1.26
C ASN A 47 -5.92 -9.22 1.99
N LEU A 48 -6.58 -9.97 2.88
CA LEU A 48 -7.70 -9.39 3.63
C LEU A 48 -7.25 -8.22 4.48
N LEU A 49 -6.10 -8.37 5.17
CA LEU A 49 -5.54 -7.31 5.98
C LEU A 49 -5.30 -6.06 5.13
N SER A 50 -4.67 -6.25 3.97
CA SER A 50 -4.32 -5.12 3.12
C SER A 50 -5.55 -4.45 2.55
N VAL A 51 -6.51 -5.23 2.08
CA VAL A 51 -7.72 -4.65 1.49
C VAL A 51 -8.47 -3.82 2.53
N ALA A 52 -8.59 -4.35 3.75
CA ALA A 52 -9.34 -3.65 4.79
C ALA A 52 -8.74 -2.28 5.07
N TYR A 53 -7.44 -2.24 5.36
CA TYR A 53 -6.83 -0.98 5.74
C TYR A 53 -6.68 -0.05 4.54
N LYS A 54 -6.51 -0.59 3.33
CA LYS A 54 -6.41 0.28 2.16
C LYS A 54 -7.69 1.04 1.95
N ASN A 55 -8.83 0.37 2.17
CA ASN A 55 -10.12 1.05 2.03
C ASN A 55 -10.33 2.07 3.13
N VAL A 56 -9.99 1.73 4.39
CA VAL A 56 -10.17 2.68 5.48
C VAL A 56 -9.33 3.93 5.24
N VAL A 57 -8.03 3.74 5.00
N VAL A 57 -8.03 3.76 5.03
CA VAL A 57 -7.17 4.91 4.82
CA VAL A 57 -7.17 4.92 4.80
C VAL A 57 -7.46 5.60 3.50
C VAL A 57 -7.56 5.63 3.52
N GLY A 58 -7.99 4.88 2.51
CA GLY A 58 -8.33 5.49 1.24
C GLY A 58 -9.44 6.52 1.39
N GLY A 59 -10.44 6.21 2.21
CA GLY A 59 -11.50 7.16 2.47
C GLY A 59 -10.99 8.36 3.27
N GLN A 60 -10.12 8.11 4.24
CA GLN A 60 -9.53 9.21 5.00
C GLN A 60 -8.71 10.13 4.09
N ARG A 61 -7.89 9.54 3.22
CA ARG A 61 -7.07 10.34 2.33
C ARG A 61 -7.92 11.18 1.39
N ALA A 62 -8.99 10.60 0.84
CA ALA A 62 -9.87 11.36 -0.03
C ALA A 62 -10.49 12.53 0.72
N ALA A 63 -10.93 12.30 1.96
CA ALA A 63 -11.52 13.37 2.76
C ALA A 63 -10.49 14.45 3.08
N TRP A 64 -9.28 14.03 3.47
CA TRP A 64 -8.22 14.99 3.75
C TRP A 64 -7.94 15.86 2.55
N ARG A 65 -7.96 15.28 1.35
CA ARG A 65 -7.67 16.06 0.15
C ARG A 65 -8.76 17.08 -0.12
N VAL A 66 -10.03 16.69 0.03
CA VAL A 66 -11.13 17.64 -0.10
C VAL A 66 -10.94 18.81 0.87
N LEU A 67 -10.68 18.48 2.15
CA LEU A 67 -10.58 19.53 3.16
C LEU A 67 -9.33 20.38 2.97
N SER A 68 -8.21 19.77 2.54
N SER A 68 -8.20 19.78 2.56
CA SER A 68 -6.99 20.53 2.31
CA SER A 68 -7.00 20.56 2.32
C SER A 68 -7.17 21.51 1.16
C SER A 68 -7.19 21.53 1.17
N SER A 69 -7.93 21.12 0.14
CA SER A 69 -8.20 22.00 -0.99
C SER A 69 -9.04 23.19 -0.55
N ILE A 70 -10.09 22.94 0.24
CA ILE A 70 -10.92 24.04 0.76
C ILE A 70 -10.07 24.96 1.63
N GLU A 71 -9.20 24.38 2.46
CA GLU A 71 -8.37 25.17 3.36
C GLU A 71 -7.41 26.06 2.58
N GLN A 72 -6.80 25.52 1.52
CA GLN A 72 -5.89 26.31 0.71
C GLN A 72 -6.63 27.41 -0.06
N LYS A 73 -7.86 27.13 -0.51
CA LYS A 73 -8.65 28.16 -1.19
C LYS A 73 -8.97 29.30 -0.26
N SER A 74 -9.27 29.01 1.01
CA SER A 74 -9.59 30.05 1.99
C SER A 74 -8.38 30.87 2.42
N ASN A 75 -7.17 30.45 2.09
CA ASN A 75 -5.97 31.18 2.48
C ASN A 75 -5.38 31.95 1.31
N GLY A 83 -12.78 31.70 9.49
CA GLY A 83 -12.75 31.06 10.80
C GLY A 83 -11.83 29.85 10.85
N PRO A 84 -11.66 29.30 12.05
CA PRO A 84 -10.75 28.16 12.22
C PRO A 84 -11.34 26.80 11.84
N GLU A 85 -12.60 26.74 11.41
CA GLU A 85 -13.28 25.45 11.32
C GLU A 85 -12.69 24.53 10.25
N VAL A 86 -12.33 25.06 9.08
CA VAL A 86 -11.80 24.19 8.03
C VAL A 86 -10.46 23.59 8.47
N ARG A 87 -9.58 24.42 9.03
CA ARG A 87 -8.32 23.90 9.53
C ARG A 87 -8.54 22.90 10.66
N GLU A 88 -9.43 23.21 11.59
CA GLU A 88 -9.69 22.30 12.71
C GLU A 88 -10.18 20.95 12.20
N TYR A 89 -11.10 20.97 11.24
CA TYR A 89 -11.66 19.71 10.75
C TYR A 89 -10.65 18.94 9.91
N ARG A 90 -9.87 19.64 9.06
CA ARG A 90 -8.78 18.96 8.35
C ARG A 90 -7.81 18.32 9.33
N GLU A 91 -7.49 19.03 10.43
CA GLU A 91 -6.61 18.49 11.45
C GLU A 91 -7.20 17.25 12.10
N LYS A 92 -8.51 17.25 12.33
CA LYS A 92 -9.17 16.09 12.95
C LYS A 92 -9.07 14.87 12.05
N VAL A 93 -9.40 15.05 10.76
CA VAL A 93 -9.28 13.95 9.80
C VAL A 93 -7.84 13.49 9.69
N GLU A 94 -6.90 14.43 9.66
CA GLU A 94 -5.49 14.11 9.55
C GLU A 94 -5.00 13.28 10.74
N THR A 95 -5.45 13.63 11.94
CA THR A 95 -5.05 12.88 13.13
C THR A 95 -5.60 11.47 13.08
N GLU A 96 -6.84 11.31 12.60
N GLU A 96 -6.85 11.32 12.63
CA GLU A 96 -7.44 9.98 12.50
CA GLU A 96 -7.44 9.99 12.50
C GLU A 96 -6.74 9.13 11.44
C GLU A 96 -6.68 9.16 11.48
N LEU A 97 -6.36 9.75 10.33
CA LEU A 97 -5.57 9.05 9.31
C LEU A 97 -4.22 8.62 9.86
N GLN A 98 -3.53 9.51 10.55
CA GLN A 98 -2.25 9.16 11.15
C GLN A 98 -2.42 8.02 12.15
N GLY A 99 -3.52 8.01 12.88
CA GLY A 99 -3.76 6.93 13.82
C GLY A 99 -3.91 5.59 13.14
N VAL A 100 -4.62 5.55 12.01
CA VAL A 100 -4.76 4.31 11.26
C VAL A 100 -3.41 3.86 10.71
N CYS A 101 -2.62 4.79 10.15
CA CYS A 101 -1.31 4.41 9.65
C CYS A 101 -0.43 3.88 10.76
N ASP A 102 -0.45 4.53 11.94
CA ASP A 102 0.34 4.06 13.07
C ASP A 102 -0.10 2.68 13.52
N THR A 103 -1.40 2.41 13.44
CA THR A 103 -1.90 1.09 13.82
C THR A 103 -1.37 0.02 12.88
N VAL A 104 -1.46 0.26 11.57
CA VAL A 104 -0.96 -0.70 10.59
C VAL A 104 0.54 -0.89 10.76
N LEU A 105 1.29 0.20 10.89
CA LEU A 105 2.73 0.10 11.07
C LEU A 105 3.05 -0.68 12.34
N GLY A 106 2.23 -0.51 13.38
CA GLY A 106 2.46 -1.25 14.61
C GLY A 106 2.24 -2.75 14.45
N LEU A 107 1.23 -3.13 13.65
CA LEU A 107 1.02 -4.55 13.39
C LEU A 107 2.19 -5.13 12.61
N LEU A 108 2.70 -4.37 11.63
CA LEU A 108 3.83 -4.85 10.87
C LEU A 108 5.07 -4.99 11.75
N ASP A 109 5.25 -4.08 12.69
CA ASP A 109 6.42 -4.13 13.58
C ASP A 109 6.24 -5.10 14.73
N SER A 110 5.01 -5.52 15.03
CA SER A 110 4.75 -6.38 16.20
C SER A 110 3.67 -7.42 15.83
N HIS A 111 4.05 -8.50 15.15
CA HIS A 111 5.43 -8.84 14.79
C HIS A 111 5.46 -9.45 13.39
N LEU A 112 4.65 -8.90 12.48
CA LEU A 112 4.46 -9.55 11.18
C LEU A 112 5.76 -9.63 10.38
N ILE A 113 6.50 -8.53 10.30
CA ILE A 113 7.69 -8.53 9.45
C ILE A 113 8.75 -9.48 10.01
N LYS A 114 9.01 -9.40 11.32
CA LYS A 114 10.11 -10.20 11.86
C LYS A 114 9.85 -11.69 11.73
N GLU A 115 8.59 -12.12 11.69
CA GLU A 115 8.31 -13.54 11.53
C GLU A 115 8.17 -13.98 10.07
N ALA A 116 8.20 -13.03 9.13
CA ALA A 116 8.01 -13.35 7.71
C ALA A 116 9.35 -13.76 7.10
N GLY A 117 9.49 -15.04 6.81
CA GLY A 117 10.73 -15.56 6.25
C GLY A 117 10.66 -15.75 4.75
N ASP A 118 9.50 -16.17 4.25
CA ASP A 118 9.38 -16.40 2.83
C ASP A 118 9.35 -15.07 2.09
N ALA A 119 9.88 -15.07 0.87
CA ALA A 119 9.96 -13.82 0.12
C ALA A 119 8.58 -13.23 -0.12
N GLU A 120 7.58 -14.08 -0.42
CA GLU A 120 6.26 -13.57 -0.71
C GLU A 120 5.67 -12.81 0.48
N SER A 121 5.81 -13.35 1.68
CA SER A 121 5.26 -12.66 2.84
C SER A 121 6.09 -11.45 3.21
N ARG A 122 7.42 -11.57 3.21
CA ARG A 122 8.26 -10.46 3.65
C ARG A 122 8.15 -9.27 2.71
N VAL A 123 8.16 -9.52 1.40
CA VAL A 123 7.98 -8.44 0.42
C VAL A 123 6.60 -7.81 0.60
N PHE A 124 5.56 -8.62 0.79
CA PHE A 124 4.22 -8.07 0.98
C PHE A 124 4.18 -7.08 2.14
N TYR A 125 4.75 -7.47 3.28
CA TYR A 125 4.69 -6.63 4.46
C TYR A 125 5.56 -5.40 4.32
N LEU A 126 6.74 -5.53 3.70
CA LEU A 126 7.59 -4.36 3.52
C LEU A 126 6.97 -3.38 2.55
N LYS A 127 6.29 -3.87 1.51
CA LYS A 127 5.53 -2.98 0.65
C LYS A 127 4.48 -2.23 1.44
N MET A 128 3.74 -2.94 2.31
CA MET A 128 2.75 -2.28 3.16
C MET A 128 3.40 -1.22 4.02
N LYS A 129 4.56 -1.53 4.61
CA LYS A 129 5.27 -0.56 5.44
C LYS A 129 5.60 0.70 4.64
N GLY A 130 6.11 0.52 3.41
CA GLY A 130 6.39 1.69 2.58
C GLY A 130 5.13 2.48 2.27
N ASP A 131 4.03 1.77 1.96
CA ASP A 131 2.77 2.43 1.64
C ASP A 131 2.27 3.30 2.80
N TYR A 132 2.32 2.75 4.03
CA TYR A 132 1.72 3.50 5.15
C TYR A 132 2.62 4.64 5.61
N TYR A 133 3.93 4.49 5.47
CA TYR A 133 4.79 5.66 5.63
C TYR A 133 4.54 6.68 4.52
N ARG A 134 4.27 6.23 3.29
CA ARG A 134 3.95 7.15 2.21
C ARG A 134 2.67 7.94 2.53
N TYR A 135 1.65 7.28 3.09
CA TYR A 135 0.43 8.00 3.46
C TYR A 135 0.72 9.01 4.58
N LEU A 136 1.56 8.64 5.55
CA LEU A 136 1.99 9.63 6.54
C LEU A 136 2.71 10.79 5.88
N ALA A 137 3.55 10.51 4.88
CA ALA A 137 4.33 11.56 4.22
C ALA A 137 3.42 12.52 3.49
N GLU A 138 2.29 12.04 2.96
CA GLU A 138 1.39 12.91 2.20
C GLU A 138 0.86 14.05 3.05
N VAL A 139 0.74 13.85 4.36
CA VAL A 139 0.17 14.86 5.26
C VAL A 139 1.21 15.51 6.15
N ALA A 140 2.47 15.12 6.03
CA ALA A 140 3.52 15.63 6.90
C ALA A 140 4.07 16.94 6.34
N THR A 141 4.62 17.76 7.22
CA THR A 141 5.26 19.00 6.78
C THR A 141 6.72 19.06 7.22
N ASP A 144 9.50 16.35 10.79
CA ASP A 144 9.85 14.95 10.61
C ASP A 144 9.38 14.44 9.24
N LYS A 145 9.00 15.36 8.35
CA LYS A 145 8.64 14.97 7.00
C LYS A 145 9.78 14.20 6.32
N LYS A 146 11.00 14.70 6.47
CA LYS A 146 12.14 14.02 5.84
C LYS A 146 12.33 12.62 6.40
N ARG A 147 12.19 12.46 7.72
CA ARG A 147 12.40 11.14 8.30
C ARG A 147 11.29 10.17 7.87
N ILE A 148 10.05 10.66 7.77
CA ILE A 148 8.95 9.80 7.31
C ILE A 148 9.20 9.35 5.89
N ILE A 149 9.62 10.27 5.02
CA ILE A 149 9.93 9.94 3.64
C ILE A 149 11.05 8.90 3.58
N ASP A 150 12.09 9.08 4.41
CA ASP A 150 13.17 8.09 4.40
C ASP A 150 12.71 6.73 4.90
N SER A 151 11.79 6.70 5.86
CA SER A 151 11.27 5.42 6.33
C SER A 151 10.51 4.72 5.21
N ALA A 152 9.72 5.46 4.43
CA ALA A 152 9.01 4.85 3.30
C ALA A 152 10.02 4.32 2.29
N ARG A 153 11.00 5.14 1.95
N ARG A 153 10.99 5.15 1.94
CA ARG A 153 12.00 4.74 0.96
CA ARG A 153 12.03 4.76 0.97
C ARG A 153 12.76 3.50 1.41
C ARG A 153 12.73 3.49 1.41
N SER A 154 13.13 3.43 2.69
CA SER A 154 13.91 2.31 3.18
C SER A 154 13.11 1.01 3.11
N ALA A 155 11.83 1.07 3.48
CA ALA A 155 10.97 -0.12 3.42
C ALA A 155 10.79 -0.60 1.98
N TYR A 156 10.46 0.34 1.08
CA TYR A 156 10.32 -0.03 -0.34
C TYR A 156 11.61 -0.60 -0.89
N GLN A 157 12.76 -0.03 -0.52
CA GLN A 157 14.03 -0.48 -1.08
C GLN A 157 14.36 -1.89 -0.63
N GLU A 158 14.13 -2.21 0.65
CA GLU A 158 14.39 -3.58 1.10
C GLU A 158 13.46 -4.55 0.40
N ALA A 159 12.19 -4.17 0.22
CA ALA A 159 11.26 -5.04 -0.51
C ALA A 159 11.71 -5.24 -1.95
N MET A 160 12.17 -4.16 -2.60
CA MET A 160 12.68 -4.28 -3.96
C MET A 160 13.86 -5.23 -4.03
N ASP A 161 14.80 -5.08 -3.09
CA ASP A 161 16.00 -5.91 -3.14
C ASP A 161 15.64 -7.39 -3.02
N ILE A 162 14.74 -7.73 -2.08
CA ILE A 162 14.30 -9.12 -1.95
C ILE A 162 13.58 -9.57 -3.19
N SER A 163 12.67 -8.73 -3.71
CA SER A 163 11.83 -9.17 -4.83
C SER A 163 12.67 -9.44 -6.08
N LYS A 164 13.73 -8.65 -6.28
CA LYS A 164 14.55 -8.84 -7.46
C LYS A 164 15.37 -10.12 -7.37
N LYS A 165 15.73 -10.54 -6.15
CA LYS A 165 16.48 -11.77 -5.95
C LYS A 165 15.60 -13.01 -5.92
N GLU A 166 14.37 -12.91 -5.43
CA GLU A 166 13.58 -14.08 -5.08
C GLU A 166 12.31 -14.29 -5.90
N MET A 167 11.90 -13.34 -6.74
CA MET A 167 10.64 -13.41 -7.42
C MET A 167 10.84 -13.15 -8.91
N PRO A 168 10.05 -13.78 -9.77
CA PRO A 168 10.12 -13.47 -11.21
C PRO A 168 9.59 -12.08 -11.47
N PRO A 169 9.98 -11.47 -12.59
CA PRO A 169 9.58 -10.09 -12.87
C PRO A 169 8.09 -9.93 -13.11
N THR A 170 7.33 -11.01 -13.32
CA THR A 170 5.88 -10.92 -13.49
C THR A 170 5.11 -11.14 -12.20
N ASN A 171 5.78 -11.45 -11.10
CA ASN A 171 5.06 -11.74 -9.86
C ASN A 171 4.19 -10.53 -9.48
N PRO A 172 2.89 -10.71 -9.23
CA PRO A 172 2.03 -9.54 -8.98
C PRO A 172 2.44 -8.72 -7.77
N ILE A 173 2.99 -9.34 -6.72
CA ILE A 173 3.45 -8.55 -5.58
C ILE A 173 4.65 -7.71 -5.98
N ARG A 174 5.59 -8.30 -6.70
CA ARG A 174 6.74 -7.55 -7.20
C ARG A 174 6.31 -6.40 -8.09
N LEU A 175 5.35 -6.65 -8.98
CA LEU A 175 4.84 -5.60 -9.86
C LEU A 175 4.17 -4.49 -9.08
N GLY A 176 3.29 -4.84 -8.13
CA GLY A 176 2.60 -3.82 -7.36
C GLY A 176 3.53 -3.01 -6.49
N LEU A 177 4.56 -3.67 -5.93
CA LEU A 177 5.60 -2.96 -5.18
C LEU A 177 6.29 -1.93 -6.06
N ALA A 178 6.70 -2.34 -7.26
CA ALA A 178 7.39 -1.40 -8.15
C ALA A 178 6.46 -0.27 -8.56
N LEU A 179 5.20 -0.56 -8.86
CA LEU A 179 4.22 0.48 -9.15
C LEU A 179 4.15 1.50 -8.02
N ASN A 180 3.99 1.02 -6.78
CA ASN A 180 3.81 1.94 -5.66
C ASN A 180 5.10 2.71 -5.35
N PHE A 181 6.25 2.05 -5.47
CA PHE A 181 7.53 2.75 -5.27
C PHE A 181 7.71 3.83 -6.33
N SER A 182 7.26 3.56 -7.55
N SER A 182 7.28 3.56 -7.56
CA SER A 182 7.33 4.55 -8.61
CA SER A 182 7.36 4.59 -8.59
C SER A 182 6.44 5.75 -8.29
C SER A 182 6.46 5.77 -8.25
N VAL A 183 5.26 5.49 -7.72
CA VAL A 183 4.39 6.58 -7.26
C VAL A 183 5.03 7.37 -6.14
N PHE A 184 5.68 6.67 -5.20
CA PHE A 184 6.46 7.33 -4.15
C PHE A 184 7.49 8.29 -4.77
N HIS A 185 8.26 7.81 -5.76
CA HIS A 185 9.28 8.67 -6.37
C HIS A 185 8.65 9.91 -7.00
N TYR A 186 7.51 9.73 -7.68
CA TYR A 186 6.90 10.82 -8.44
C TYR A 186 6.21 11.81 -7.52
N GLU A 187 5.44 11.32 -6.56
CA GLU A 187 4.54 12.14 -5.77
C GLU A 187 5.13 12.62 -4.45
N ILE A 188 6.07 11.87 -3.88
CA ILE A 188 6.59 12.14 -2.54
C ILE A 188 8.03 12.64 -2.60
N ALA A 189 8.89 11.95 -3.34
CA ALA A 189 10.32 12.19 -3.32
C ALA A 189 10.77 13.22 -4.34
N ASN A 190 9.86 13.79 -5.12
CA ASN A 190 10.22 14.79 -6.14
C ASN A 190 11.27 14.25 -7.10
N SER A 191 11.11 12.97 -7.48
CA SER A 191 12.05 12.29 -8.37
C SER A 191 11.29 11.71 -9.54
N PRO A 192 10.69 12.55 -10.39
CA PRO A 192 9.90 12.02 -11.50
C PRO A 192 10.70 11.17 -12.48
N GLU A 193 11.98 11.48 -12.68
CA GLU A 193 12.76 10.68 -13.62
C GLU A 193 13.00 9.29 -13.07
N GLU A 194 13.21 9.17 -11.75
CA GLU A 194 13.35 7.86 -11.12
C GLU A 194 12.05 7.08 -11.23
N ALA A 195 10.92 7.75 -11.04
CA ALA A 195 9.60 7.13 -11.16
C ALA A 195 9.39 6.56 -12.55
N ILE A 196 9.73 7.35 -13.58
CA ILE A 196 9.55 6.93 -14.97
C ILE A 196 10.48 5.77 -15.31
N SER A 197 11.75 5.87 -14.89
N SER A 197 11.74 5.86 -14.88
CA SER A 197 12.70 4.80 -15.15
CA SER A 197 12.70 4.79 -15.17
C SER A 197 12.25 3.50 -14.51
C SER A 197 12.31 3.48 -14.48
N LEU A 198 11.83 3.56 -13.24
CA LEU A 198 11.41 2.35 -12.55
C LEU A 198 10.19 1.74 -13.22
N ALA A 199 9.20 2.57 -13.58
CA ALA A 199 8.00 2.04 -14.21
C ALA A 199 8.33 1.38 -15.56
N LYS A 200 9.21 2.02 -16.35
CA LYS A 200 9.57 1.50 -17.66
C LYS A 200 10.32 0.18 -17.55
N THR A 201 11.38 0.16 -16.73
N THR A 201 11.35 0.13 -16.72
CA THR A 201 12.16 -1.06 -16.54
CA THR A 201 12.12 -1.12 -16.63
C THR A 201 11.28 -2.20 -16.03
C THR A 201 11.32 -2.24 -15.98
N THR A 202 10.41 -1.90 -15.07
CA THR A 202 9.52 -2.93 -14.52
C THR A 202 8.60 -3.49 -15.59
N PHE A 203 7.99 -2.59 -16.38
CA PHE A 203 7.10 -3.02 -17.45
C PHE A 203 7.83 -3.89 -18.46
N ASP A 204 9.01 -3.45 -18.89
CA ASP A 204 9.73 -4.15 -19.95
C ASP A 204 10.21 -5.53 -19.48
N GLU A 205 10.70 -5.63 -18.25
CA GLU A 205 11.12 -6.93 -17.75
C GLU A 205 9.94 -7.86 -17.53
N ALA A 206 8.79 -7.34 -17.14
CA ALA A 206 7.61 -8.19 -17.03
C ALA A 206 7.16 -8.67 -18.41
N MET A 207 7.15 -7.76 -19.39
N MET A 207 7.15 -7.77 -19.40
CA MET A 207 6.77 -8.12 -20.75
CA MET A 207 6.73 -8.18 -20.74
C MET A 207 7.56 -9.33 -21.24
C MET A 207 7.56 -9.35 -21.25
N ALA A 208 8.87 -9.31 -21.02
CA ALA A 208 9.76 -10.36 -21.48
C ALA A 208 9.57 -11.69 -20.77
N ASP A 209 8.83 -11.72 -19.67
CA ASP A 209 8.65 -12.93 -18.89
C ASP A 209 7.22 -13.48 -19.01
N LEU A 210 6.34 -12.78 -19.74
CA LEU A 210 4.94 -13.21 -19.87
C LEU A 210 4.83 -14.58 -20.52
N HIS A 211 5.78 -14.93 -21.39
CA HIS A 211 5.72 -16.19 -22.13
C HIS A 211 5.74 -17.39 -21.21
N THR A 212 6.20 -17.23 -19.96
CA THR A 212 6.32 -18.35 -19.04
C THR A 212 5.04 -18.65 -18.27
N LEU A 213 4.00 -17.82 -18.42
CA LEU A 213 2.86 -17.82 -17.54
C LEU A 213 1.68 -18.57 -18.13
N SER A 214 0.89 -19.16 -17.23
CA SER A 214 -0.42 -19.66 -17.58
C SER A 214 -1.36 -18.50 -17.93
N GLU A 215 -2.52 -18.84 -18.49
CA GLU A 215 -3.50 -17.82 -18.85
C GLU A 215 -3.94 -17.01 -17.63
N ASP A 216 -4.14 -17.68 -16.49
CA ASP A 216 -4.62 -16.95 -15.30
C ASP A 216 -3.53 -16.02 -14.75
N SER A 217 -2.29 -16.51 -14.68
CA SER A 217 -1.18 -15.66 -14.21
C SER A 217 -0.94 -14.52 -15.19
N TYR A 218 -1.04 -14.79 -16.48
CA TYR A 218 -0.94 -13.76 -17.51
C TYR A 218 -1.94 -12.64 -17.25
N LYS A 219 -3.19 -13.01 -16.92
CA LYS A 219 -4.20 -12.00 -16.64
C LYS A 219 -3.79 -11.15 -15.44
N ASP A 220 -3.32 -11.79 -14.36
CA ASP A 220 -2.93 -11.03 -13.17
C ASP A 220 -1.79 -10.07 -13.47
N SER A 221 -0.75 -10.55 -14.16
CA SER A 221 0.42 -9.71 -14.40
C SER A 221 0.12 -8.58 -15.37
N THR A 222 -0.61 -8.89 -16.45
CA THR A 222 -0.88 -7.84 -17.42
C THR A 222 -1.78 -6.76 -16.85
N LEU A 223 -2.61 -7.08 -15.86
CA LEU A 223 -3.47 -6.04 -15.33
C LEU A 223 -2.61 -4.98 -14.64
N ILE A 224 -1.60 -5.42 -13.87
CA ILE A 224 -0.73 -4.46 -13.19
C ILE A 224 0.20 -3.78 -14.17
N MET A 225 0.67 -4.48 -15.20
CA MET A 225 1.42 -3.78 -16.24
C MET A 225 0.64 -2.64 -16.86
N GLN A 226 -0.68 -2.81 -17.03
CA GLN A 226 -1.48 -1.72 -17.58
C GLN A 226 -1.47 -0.51 -16.65
N LEU A 227 -1.48 -0.74 -15.34
CA LEU A 227 -1.39 0.36 -14.39
C LEU A 227 -0.04 1.08 -14.52
N LEU A 228 1.05 0.33 -14.68
CA LEU A 228 2.34 0.96 -14.94
C LEU A 228 2.29 1.81 -16.21
N ARG A 229 1.70 1.25 -17.27
N ARG A 229 1.71 1.25 -17.29
CA ARG A 229 1.60 2.00 -18.54
CA ARG A 229 1.59 1.98 -18.53
C ARG A 229 0.72 3.22 -18.37
C ARG A 229 0.72 3.22 -18.36
N ASP A 230 -0.37 3.11 -17.60
CA ASP A 230 -1.24 4.27 -17.37
C ASP A 230 -0.47 5.40 -16.70
N ASN A 231 0.37 5.08 -15.72
CA ASN A 231 1.16 6.12 -15.08
C ASN A 231 2.18 6.69 -16.04
N LEU A 232 2.87 5.85 -16.81
CA LEU A 232 3.83 6.35 -17.78
C LEU A 232 3.16 7.29 -18.77
N THR A 233 1.95 6.97 -19.20
CA THR A 233 1.23 7.85 -20.13
C THR A 233 0.93 9.21 -19.49
N LEU A 234 0.59 9.21 -18.20
CA LEU A 234 0.32 10.48 -17.52
C LEU A 234 1.59 11.26 -17.24
N TRP A 235 2.75 10.59 -17.11
CA TRP A 235 3.99 11.24 -16.71
C TRP A 235 4.86 11.65 -17.89
N THR A 236 4.59 11.14 -19.09
CA THR A 236 5.43 11.41 -20.25
C THR A 236 4.63 11.92 -21.44
N ALA B 5 0.48 9.50 -9.50
CA ALA B 5 -0.66 9.02 -10.27
C ALA B 5 -1.42 7.91 -9.54
N GLY B 6 -1.54 6.74 -10.19
CA GLY B 6 -2.25 5.62 -9.60
C GLY B 6 -1.40 4.55 -8.94
N SEP B 7 -1.63 4.31 -7.65
CA SEP B 7 -1.03 3.18 -6.97
CB SEP B 7 -0.90 3.47 -5.48
OG SEP B 7 -2.19 3.75 -4.97
C SEP B 7 -1.93 1.97 -7.15
O SEP B 7 -2.99 2.05 -7.76
P SEP B 7 -2.23 4.37 -3.50
O1P SEP B 7 -3.79 4.40 -3.20
O2P SEP B 7 -1.60 5.82 -3.54
O3P SEP B 7 -1.49 3.41 -2.49
N ILE B 8 -1.51 0.81 -6.62
CA ILE B 8 -2.34 -0.37 -6.74
C ILE B 8 -3.66 -0.14 -6.00
N PRO B 9 -4.79 -0.35 -6.69
CA PRO B 9 -6.08 -0.01 -6.07
C PRO B 9 -6.40 -0.81 -4.82
N GLY B 10 -6.04 -2.09 -4.79
CA GLY B 10 -6.38 -2.91 -3.65
C GLY B 10 -7.84 -3.29 -3.66
N ARG B 11 -8.21 -4.22 -4.54
CA ARG B 11 -9.60 -4.63 -4.76
C ARG B 11 -10.55 -3.44 -4.87
N19 UQN C . -3.94 -10.07 -7.41
N19 UQN C . -3.66 -10.57 -6.86
C17 UQN C . -5.09 -5.38 -6.90
C17 UQN C . -3.49 -8.55 -10.60
C16 UQN C . -5.15 -5.05 -8.24
C16 UQN C . -4.09 -7.31 -10.59
C15 UQN C . -4.69 -5.95 -9.19
C15 UQN C . -4.41 -6.65 -9.41
C12 UQN C . -4.10 -7.51 -7.47
C12 UQN C . -3.53 -8.50 -8.20
C02 UQN C . 0.37 -4.76 -3.57
C02 UQN C . 0.24 -4.52 -3.63
C03 UQN C . -0.38 -5.89 -4.28
C03 UQN C . -0.44 -5.73 -4.29
C04 UQN C . 0.00 -6.32 -5.55
C04 UQN C . -0.05 -6.17 -5.55
C05 UQN C . -0.69 -7.34 -6.17
C05 UQN C . -0.70 -7.26 -6.12
C06 UQN C . -1.46 -6.49 -3.64
C06 UQN C . -1.44 -6.36 -3.59
C08 UQN C . -2.15 -7.51 -4.27
C08 UQN C . -2.08 -7.44 -4.16
C09 UQN C . -1.77 -7.94 -5.53
C09 UQN C . -1.73 -7.89 -5.42
C11 UQN C . -3.53 -8.85 -7.02
C11 UQN C . -3.20 -9.31 -6.96
C13 UQN C . -4.16 -7.18 -8.82
C13 UQN C . -4.15 -7.26 -8.19
C18 UQN C . -4.57 -6.60 -6.51
C18 UQN C . -3.22 -9.15 -9.38
C20 UQN C . -3.18 -10.96 -6.80
C20 UQN C . -3.25 -11.08 -5.73
C21 UQN C . -2.28 -10.29 -6.03
C21 UQN C . -2.50 -10.13 -5.11
N10 UQN C . -2.50 -9.01 -6.17
N10 UQN C . -2.46 -9.05 -5.87
BR1 UQN C . -2.00 -5.89 -1.87
BR1 UQN C . -1.98 -5.75 -1.83
BR2 UQN C . -3.53 -8.42 -10.19
BR2 UQN C . -4.62 -6.33 -6.56
C1 GOL D . -16.72 2.01 6.70
O1 GOL D . -16.64 1.26 5.50
C2 GOL D . -17.74 1.32 7.67
O2 GOL D . -18.98 1.24 7.09
C3 GOL D . -17.08 -0.03 7.87
O3 GOL D . -17.52 -0.83 8.94
#